data_3UYX
#
_entry.id   3UYX
#
_cell.length_a   46.661
_cell.length_b   75.052
_cell.length_c   60.134
_cell.angle_alpha   90.00
_cell.angle_beta   104.17
_cell.angle_gamma   90.00
#
_symmetry.space_group_name_H-M   'P 1 21 1'
#
loop_
_entity.id
_entity.type
_entity.pdbx_description
1 polymer Hemagglutinin
2 non-polymer 'NITRATE ION'
3 water water
#
_entity_poly.entity_id   1
_entity_poly.type   'polypeptide(L)'
_entity_poly.pdbx_seq_one_letter_code
;APLHLGKCNIAGWILGNPECESLSTASSWSYIVETPSSDNGTCYPGDFIDYEELREQLSSVSSFERFEIFPKTSSWPNHD
SNKGVTAACPHAGAKSFYKNLIWLVKKGNSYPKLSKSYINDKGKEVLVLWGIHHPSTSADQQSLYQNADTYVFVGSSRYS
KKFKPEIAIRPKVRGQEGRMNYYWTLVEPGDKITFEATGNLVVPRYAFAMERNA
;
_entity_poly.pdbx_strand_id   A,B
#
# COMPACT_ATOMS: atom_id res chain seq x y z
N ALA A 1 -21.96 -25.44 16.49
CA ALA A 1 -22.71 -24.71 15.47
C ALA A 1 -21.87 -23.59 14.87
N PRO A 2 -22.06 -23.34 13.56
CA PRO A 2 -21.31 -22.31 12.85
C PRO A 2 -21.76 -20.90 13.21
N LEU A 3 -20.88 -19.93 12.98
CA LEU A 3 -21.24 -18.53 13.08
C LEU A 3 -21.59 -18.05 11.67
N HIS A 4 -22.84 -17.63 11.47
CA HIS A 4 -23.27 -17.15 10.17
C HIS A 4 -23.24 -15.64 10.11
N LEU A 5 -22.26 -15.07 9.40
CA LEU A 5 -22.25 -13.64 9.15
C LEU A 5 -23.13 -13.35 7.93
N GLY A 6 -24.27 -12.70 8.17
CA GLY A 6 -25.26 -12.50 7.13
C GLY A 6 -25.01 -11.29 6.26
N LYS A 7 -24.13 -10.40 6.71
CA LYS A 7 -23.90 -9.13 6.03
C LYS A 7 -22.45 -8.94 5.60
N CYS A 8 -21.53 -9.52 6.37
CA CYS A 8 -20.11 -9.19 6.26
C CYS A 8 -19.22 -10.42 6.16
N ASN A 9 -17.95 -10.17 5.86
CA ASN A 9 -16.92 -11.20 5.95
C ASN A 9 -16.16 -11.01 7.25
N ILE A 10 -15.14 -11.83 7.50
CA ILE A 10 -14.41 -11.74 8.75
C ILE A 10 -13.75 -10.36 8.93
N ALA A 11 -13.24 -9.80 7.83
CA ALA A 11 -12.59 -8.48 7.90
C ALA A 11 -13.56 -7.42 8.43
N GLY A 12 -14.74 -7.32 7.83
CA GLY A 12 -15.70 -6.31 8.24
C GLY A 12 -16.25 -6.57 9.62
N TRP A 13 -16.47 -7.84 9.94
CA TRP A 13 -17.01 -8.21 11.24
C TRP A 13 -15.99 -7.91 12.35
N ILE A 14 -14.73 -8.27 12.13
CA ILE A 14 -13.73 -8.10 13.17
C ILE A 14 -13.30 -6.65 13.37
N LEU A 15 -13.34 -5.85 12.31
CA LEU A 15 -13.04 -4.42 12.44
C LEU A 15 -14.25 -3.62 12.93
N GLY A 16 -15.44 -4.11 12.63
CA GLY A 16 -16.67 -3.41 12.96
C GLY A 16 -17.05 -2.43 11.87
N ASN A 17 -16.97 -2.86 10.61
CA ASN A 17 -17.51 -2.08 9.50
C ASN A 17 -18.94 -1.71 9.89
N PRO A 18 -19.41 -0.50 9.50
CA PRO A 18 -20.64 0.06 10.10
C PRO A 18 -21.90 -0.83 10.07
N GLU A 19 -22.04 -1.69 9.08
CA GLU A 19 -23.25 -2.51 8.98
C GLU A 19 -23.13 -3.86 9.69
N CYS A 20 -21.92 -4.21 10.12
CA CYS A 20 -21.68 -5.53 10.68
C CYS A 20 -22.20 -5.65 12.11
N GLU A 21 -22.63 -6.84 12.48
CA GLU A 21 -23.21 -7.06 13.80
C GLU A 21 -22.12 -7.07 14.87
N SER A 22 -22.38 -6.43 16.00
CA SER A 22 -21.45 -6.53 17.12
C SER A 22 -21.46 -7.96 17.66
N LEU A 23 -22.47 -8.72 17.22
CA LEU A 23 -22.67 -10.11 17.63
C LEU A 23 -22.45 -10.53 19.08
N SER A 24 -22.96 -9.73 20.01
CA SER A 24 -22.73 -9.95 21.43
C SER A 24 -23.54 -11.13 21.96
N THR A 25 -23.84 -12.09 21.08
CA THR A 25 -24.61 -13.26 21.45
C THR A 25 -23.79 -14.54 21.27
N ALA A 26 -23.09 -14.62 20.13
CA ALA A 26 -22.29 -15.79 19.81
C ALA A 26 -20.89 -15.70 20.40
N SER A 27 -20.62 -16.53 21.40
CA SER A 27 -19.32 -16.53 22.08
C SER A 27 -18.49 -17.75 21.69
N SER A 28 -19.07 -18.63 20.87
CA SER A 28 -18.32 -19.79 20.38
C SER A 28 -18.89 -20.28 19.06
N TRP A 29 -18.05 -20.95 18.28
CA TRP A 29 -18.47 -21.48 16.99
C TRP A 29 -17.48 -22.51 16.46
N SER A 30 -17.97 -23.39 15.59
CA SER A 30 -17.15 -24.44 15.01
C SER A 30 -16.51 -23.96 13.72
N TYR A 31 -17.18 -23.03 13.04
CA TYR A 31 -16.61 -22.37 11.86
C TYR A 31 -17.43 -21.13 11.49
N ILE A 32 -16.87 -20.30 10.61
CA ILE A 32 -17.52 -19.06 10.22
C ILE A 32 -17.97 -19.10 8.76
N VAL A 33 -19.23 -18.77 8.53
CA VAL A 33 -19.75 -18.59 7.18
C VAL A 33 -19.81 -17.10 6.85
N GLU A 34 -19.17 -16.70 5.75
CA GLU A 34 -19.01 -15.29 5.43
C GLU A 34 -19.88 -14.81 4.27
N THR A 35 -20.22 -13.53 4.31
CA THR A 35 -20.96 -12.89 3.24
C THR A 35 -20.09 -11.86 2.50
N PRO A 36 -19.96 -12.02 1.18
CA PRO A 36 -19.25 -11.05 0.33
C PRO A 36 -19.95 -9.69 0.29
N SER A 37 -19.14 -8.62 0.21
CA SER A 37 -19.66 -7.27 0.14
C SER A 37 -18.77 -6.37 -0.72
N SER A 38 -19.33 -5.26 -1.18
CA SER A 38 -18.64 -4.37 -2.11
C SER A 38 -17.32 -3.83 -1.56
N ASP A 39 -17.30 -3.45 -0.29
CA ASP A 39 -16.09 -2.91 0.30
C ASP A 39 -15.22 -3.97 0.98
N ASN A 40 -15.62 -5.22 0.86
N ASN A 40 -15.63 -5.23 0.85
CA ASN A 40 -14.81 -6.33 1.37
CA ASN A 40 -14.85 -6.34 1.39
C ASN A 40 -14.58 -6.25 2.88
C ASN A 40 -14.58 -6.23 2.87
N GLY A 41 -15.43 -5.49 3.57
CA GLY A 41 -15.31 -5.37 5.02
C GLY A 41 -14.41 -4.23 5.45
N THR A 42 -13.78 -3.57 4.50
CA THR A 42 -12.97 -2.40 4.84
C THR A 42 -13.49 -1.17 4.11
N CYS A 43 -14.44 -0.48 4.73
CA CYS A 43 -15.02 0.71 4.11
C CYS A 43 -13.97 1.74 3.73
N TYR A 44 -12.96 1.94 4.59
CA TYR A 44 -11.81 2.73 4.18
C TYR A 44 -10.82 1.84 3.41
N PRO A 45 -10.57 2.19 2.13
CA PRO A 45 -9.77 1.29 1.28
C PRO A 45 -8.35 1.09 1.82
N GLY A 46 -7.84 -0.12 1.70
CA GLY A 46 -6.50 -0.46 2.16
C GLY A 46 -6.31 -1.97 2.19
N ASP A 47 -5.15 -2.41 2.66
CA ASP A 47 -4.83 -3.83 2.68
C ASP A 47 -4.92 -4.41 4.09
N PHE A 48 -5.68 -5.48 4.24
CA PHE A 48 -5.73 -6.22 5.51
C PHE A 48 -4.56 -7.19 5.52
N ILE A 49 -3.65 -7.00 6.46
CA ILE A 49 -2.38 -7.72 6.47
C ILE A 49 -2.48 -9.02 7.29
N ASP A 50 -1.80 -10.07 6.85
CA ASP A 50 -1.91 -11.38 7.50
C ASP A 50 -3.36 -11.84 7.64
N TYR A 51 -4.16 -11.59 6.61
CA TYR A 51 -5.59 -11.82 6.72
C TYR A 51 -5.96 -13.31 6.75
N GLU A 52 -5.37 -14.10 5.86
CA GLU A 52 -5.72 -15.52 5.83
C GLU A 52 -5.38 -16.18 7.14
N GLU A 53 -4.24 -15.80 7.72
CA GLU A 53 -3.83 -16.33 9.02
C GLU A 53 -4.88 -15.98 10.09
N LEU A 54 -5.43 -14.78 10.03
CA LEU A 54 -6.46 -14.36 10.96
C LEU A 54 -7.75 -15.18 10.81
N ARG A 55 -8.15 -15.44 9.57
CA ARG A 55 -9.31 -16.30 9.32
C ARG A 55 -9.11 -17.66 9.99
N GLU A 56 -7.90 -18.20 9.91
CA GLU A 56 -7.61 -19.49 10.53
C GLU A 56 -7.68 -19.41 12.06
N GLN A 57 -7.09 -18.35 12.63
CA GLN A 57 -7.12 -18.12 14.07
C GLN A 57 -8.55 -18.01 14.62
N LEU A 58 -9.46 -17.44 13.83
CA LEU A 58 -10.83 -17.22 14.28
C LEU A 58 -11.78 -18.32 13.83
N SER A 59 -11.25 -19.43 13.32
CA SER A 59 -12.06 -20.43 12.65
C SER A 59 -12.94 -21.24 13.60
N SER A 60 -12.37 -21.65 14.73
CA SER A 60 -13.10 -22.48 15.69
C SER A 60 -12.75 -22.07 17.12
N VAL A 61 -13.65 -21.30 17.74
CA VAL A 61 -13.38 -20.66 19.01
C VAL A 61 -14.33 -21.17 20.11
N SER A 62 -13.77 -21.46 21.29
CA SER A 62 -14.57 -22.01 22.39
C SER A 62 -15.15 -20.91 23.26
N SER A 63 -14.44 -19.80 23.37
CA SER A 63 -14.98 -18.62 24.03
C SER A 63 -14.42 -17.37 23.34
N PHE A 64 -15.25 -16.34 23.26
CA PHE A 64 -14.89 -15.16 22.50
C PHE A 64 -15.58 -13.96 23.13
N GLU A 65 -14.78 -12.95 23.49
CA GLU A 65 -15.31 -11.83 24.24
C GLU A 65 -14.67 -10.53 23.77
N ARG A 66 -15.50 -9.55 23.44
CA ARG A 66 -15.01 -8.23 23.06
C ARG A 66 -14.87 -7.38 24.33
N PHE A 67 -13.78 -6.64 24.46
CA PHE A 67 -13.62 -5.76 25.61
C PHE A 67 -12.95 -4.46 25.17
N GLU A 68 -13.19 -3.38 25.90
CA GLU A 68 -12.63 -2.08 25.52
C GLU A 68 -11.19 -1.97 26.02
N ILE A 69 -10.26 -2.44 25.19
CA ILE A 69 -8.85 -2.49 25.57
C ILE A 69 -8.32 -1.11 25.96
N PHE A 70 -8.68 -0.11 25.18
CA PHE A 70 -8.31 1.27 25.46
C PHE A 70 -9.59 2.09 25.49
N PRO A 71 -10.15 2.31 26.68
CA PRO A 71 -11.39 3.08 26.80
C PRO A 71 -11.34 4.41 26.04
N LYS A 72 -12.34 4.63 25.19
CA LYS A 72 -12.38 5.81 24.35
C LYS A 72 -12.29 7.11 25.15
N THR A 73 -13.03 7.19 26.25
CA THR A 73 -13.17 8.45 26.97
C THR A 73 -11.94 8.86 27.76
N SER A 74 -11.09 7.90 28.10
CA SER A 74 -10.00 8.18 29.03
C SER A 74 -8.59 7.90 28.50
N SER A 75 -8.48 7.25 27.35
CA SER A 75 -7.18 6.76 26.88
C SER A 75 -6.35 7.82 26.16
N TRP A 76 -7.00 8.84 25.63
CA TRP A 76 -6.34 9.75 24.69
C TRP A 76 -6.52 11.22 25.04
N PRO A 77 -6.04 11.62 26.23
CA PRO A 77 -6.29 13.00 26.69
C PRO A 77 -5.51 14.05 25.91
N ASN A 78 -4.53 13.64 25.11
CA ASN A 78 -3.73 14.61 24.36
C ASN A 78 -3.97 14.57 22.85
N HIS A 79 -4.97 13.80 22.43
CA HIS A 79 -5.32 13.71 21.02
C HIS A 79 -6.85 13.78 20.87
N ASP A 80 -7.31 14.00 19.64
CA ASP A 80 -8.75 14.12 19.42
C ASP A 80 -9.29 12.78 18.94
N SER A 81 -10.22 12.23 19.71
CA SER A 81 -10.80 10.92 19.39
C SER A 81 -12.23 11.03 18.91
N ASN A 82 -12.67 12.26 18.61
CA ASN A 82 -14.05 12.52 18.23
C ASN A 82 -14.27 13.08 16.82
N LYS A 83 -13.26 12.97 15.95
CA LYS A 83 -13.36 13.50 14.58
C LYS A 83 -13.15 12.44 13.52
N GLY A 84 -12.85 11.22 13.93
CA GLY A 84 -12.44 10.18 13.01
C GLY A 84 -13.56 9.45 12.29
N VAL A 85 -14.31 10.18 11.46
CA VAL A 85 -15.32 9.55 10.63
C VAL A 85 -15.07 9.95 9.19
N THR A 86 -15.63 9.20 8.25
CA THR A 86 -15.31 9.41 6.85
C THR A 86 -16.46 9.04 5.92
N ALA A 87 -16.55 9.76 4.81
CA ALA A 87 -17.55 9.48 3.78
C ALA A 87 -17.33 8.11 3.15
N ALA A 88 -16.13 7.55 3.33
CA ALA A 88 -15.85 6.21 2.83
C ALA A 88 -16.65 5.18 3.61
N CYS A 89 -17.08 5.56 4.81
CA CYS A 89 -17.75 4.64 5.73
C CYS A 89 -19.11 5.17 6.16
N PRO A 90 -20.02 5.37 5.20
CA PRO A 90 -21.33 5.93 5.53
C PRO A 90 -22.23 4.92 6.25
N HIS A 91 -23.11 5.44 7.10
CA HIS A 91 -24.14 4.63 7.74
C HIS A 91 -25.42 5.44 7.84
N ALA A 92 -26.43 5.05 7.08
CA ALA A 92 -27.73 5.68 7.12
C ALA A 92 -27.65 7.20 7.07
N GLY A 93 -26.86 7.71 6.12
CA GLY A 93 -26.80 9.13 5.82
C GLY A 93 -25.75 9.94 6.58
N ALA A 94 -25.03 9.29 7.48
CA ALA A 94 -24.03 9.95 8.29
C ALA A 94 -22.65 9.37 8.04
N LYS A 95 -21.61 10.20 8.08
CA LYS A 95 -20.24 9.71 8.04
C LYS A 95 -19.97 8.86 9.28
N SER A 96 -19.29 7.74 9.11
CA SER A 96 -18.99 6.88 10.23
C SER A 96 -17.60 6.27 10.12
N PHE A 97 -17.37 5.16 10.80
CA PHE A 97 -16.05 4.53 10.84
C PHE A 97 -16.18 3.17 11.52
N TYR A 98 -15.09 2.43 11.57
CA TYR A 98 -15.07 1.13 12.26
C TYR A 98 -15.44 1.28 13.73
N LYS A 99 -16.22 0.32 14.23
CA LYS A 99 -16.61 0.33 15.64
C LYS A 99 -15.41 0.06 16.55
N ASN A 100 -14.50 -0.81 16.10
CA ASN A 100 -13.48 -1.32 17.00
C ASN A 100 -12.15 -0.56 17.03
N LEU A 101 -12.03 0.44 16.16
CA LEU A 101 -10.83 1.28 16.10
C LEU A 101 -11.20 2.75 16.19
N ILE A 102 -10.25 3.57 16.61
CA ILE A 102 -10.46 5.01 16.66
C ILE A 102 -9.42 5.73 15.81
N TRP A 103 -9.90 6.53 14.87
CA TRP A 103 -9.01 7.29 14.01
C TRP A 103 -8.63 8.57 14.76
N LEU A 104 -7.54 8.52 15.52
CA LEU A 104 -7.06 9.70 16.27
C LEU A 104 -6.47 10.77 15.36
N VAL A 105 -6.79 12.03 15.64
CA VAL A 105 -6.17 13.15 14.90
C VAL A 105 -5.67 14.20 15.89
N LYS A 106 -5.01 15.23 15.37
CA LYS A 106 -4.41 16.26 16.23
C LYS A 106 -5.45 17.06 17.00
N LYS A 107 -4.97 17.64 18.09
CA LYS A 107 -5.78 18.48 18.96
C LYS A 107 -5.16 19.86 18.85
N GLY A 108 -5.92 20.83 18.32
CA GLY A 108 -5.33 22.11 17.98
C GLY A 108 -4.24 21.90 16.95
N ASN A 109 -3.07 22.47 17.19
CA ASN A 109 -1.93 22.24 16.30
C ASN A 109 -0.88 21.34 16.95
N SER A 110 -1.33 20.33 17.68
CA SER A 110 -0.42 19.45 18.40
C SER A 110 -0.79 17.98 18.24
N TYR A 111 0.22 17.15 18.01
CA TYR A 111 0.06 15.70 18.09
C TYR A 111 1.33 15.20 18.77
N PRO A 112 1.32 15.19 20.12
CA PRO A 112 2.47 14.70 20.88
C PRO A 112 2.67 13.22 20.63
N LYS A 113 3.85 12.70 20.95
CA LYS A 113 4.09 11.28 20.87
C LYS A 113 3.13 10.58 21.82
N LEU A 114 2.30 9.68 21.31
CA LEU A 114 1.48 8.89 22.19
C LEU A 114 2.22 7.60 22.53
N SER A 115 2.00 7.12 23.74
CA SER A 115 2.51 5.84 24.17
C SER A 115 1.44 5.21 25.05
N LYS A 116 1.00 4.02 24.69
CA LYS A 116 -0.04 3.37 25.47
C LYS A 116 0.20 1.87 25.46
N SER A 117 0.13 1.26 26.63
N SER A 117 0.12 1.26 26.63
CA SER A 117 0.36 -0.18 26.73
CA SER A 117 0.39 -0.17 26.77
C SER A 117 -0.82 -0.91 27.35
C SER A 117 -0.78 -0.92 27.40
N TYR A 118 -0.87 -2.21 27.10
CA TYR A 118 -1.89 -3.06 27.70
C TYR A 118 -1.26 -4.38 28.09
N ILE A 119 -1.44 -4.77 29.35
CA ILE A 119 -0.98 -6.07 29.81
C ILE A 119 -2.16 -7.04 29.82
N ASN A 120 -1.96 -8.21 29.23
CA ASN A 120 -3.04 -9.17 29.13
C ASN A 120 -3.29 -9.83 30.49
N ASP A 121 -4.33 -9.38 31.17
CA ASP A 121 -4.74 -9.92 32.47
C ASP A 121 -6.02 -10.72 32.38
N LYS A 122 -6.34 -11.23 31.19
CA LYS A 122 -7.61 -11.94 31.00
C LYS A 122 -7.47 -13.46 31.17
N GLY A 123 -6.24 -13.94 31.26
CA GLY A 123 -5.99 -15.37 31.43
C GLY A 123 -6.27 -16.19 30.19
N LYS A 124 -6.37 -15.51 29.05
CA LYS A 124 -6.56 -16.17 27.77
C LYS A 124 -5.99 -15.27 26.67
N GLU A 125 -5.72 -15.82 25.49
CA GLU A 125 -5.12 -15.04 24.41
C GLU A 125 -5.99 -13.84 24.06
N VAL A 126 -5.36 -12.72 23.79
CA VAL A 126 -6.08 -11.51 23.39
C VAL A 126 -5.70 -11.11 21.96
N LEU A 127 -6.72 -10.92 21.12
CA LEU A 127 -6.52 -10.46 19.75
C LEU A 127 -6.64 -8.94 19.69
N VAL A 128 -5.62 -8.28 19.17
CA VAL A 128 -5.62 -6.83 19.07
C VAL A 128 -5.45 -6.44 17.62
N LEU A 129 -6.30 -5.52 17.14
CA LEU A 129 -6.19 -5.03 15.78
C LEU A 129 -5.97 -3.52 15.78
N TRP A 130 -5.26 -3.03 14.76
CA TRP A 130 -5.07 -1.60 14.60
C TRP A 130 -4.90 -1.24 13.13
N GLY A 131 -4.90 0.05 12.83
CA GLY A 131 -4.73 0.50 11.46
C GLY A 131 -3.60 1.49 11.34
N ILE A 132 -3.06 1.59 10.13
CA ILE A 132 -2.07 2.62 9.82
C ILE A 132 -2.62 3.43 8.65
N HIS A 133 -2.77 4.72 8.84
CA HIS A 133 -3.32 5.58 7.79
C HIS A 133 -2.24 6.25 6.94
N HIS A 134 -2.43 6.16 5.62
CA HIS A 134 -1.52 6.76 4.65
C HIS A 134 -2.25 7.86 3.89
N PRO A 135 -1.97 9.12 4.23
CA PRO A 135 -2.66 10.22 3.54
C PRO A 135 -2.29 10.31 2.07
N SER A 136 -3.07 11.06 1.30
CA SER A 136 -2.82 11.20 -0.12
C SER A 136 -1.83 12.32 -0.42
N THR A 137 -1.82 13.35 0.43
CA THR A 137 -1.00 14.54 0.20
C THR A 137 -0.34 15.02 1.48
N SER A 138 0.76 15.75 1.36
CA SER A 138 1.43 16.29 2.53
C SER A 138 0.52 17.25 3.31
N ALA A 139 -0.37 17.95 2.60
CA ALA A 139 -1.31 18.86 3.26
C ALA A 139 -2.25 18.08 4.19
N ASP A 140 -2.77 16.95 3.70
CA ASP A 140 -3.65 16.11 4.52
C ASP A 140 -2.93 15.54 5.73
N GLN A 141 -1.66 15.17 5.54
CA GLN A 141 -0.84 14.67 6.65
C GLN A 141 -0.75 15.73 7.74
N GLN A 142 -0.56 16.99 7.34
CA GLN A 142 -0.43 18.09 8.29
C GLN A 142 -1.76 18.40 8.94
N SER A 143 -2.83 18.36 8.15
CA SER A 143 -4.14 18.69 8.66
C SER A 143 -4.60 17.66 9.70
N LEU A 144 -4.25 16.40 9.46
CA LEU A 144 -4.68 15.31 10.33
C LEU A 144 -3.77 15.17 11.55
N TYR A 145 -2.46 15.23 11.33
CA TYR A 145 -1.51 14.81 12.37
C TYR A 145 -0.49 15.86 12.77
N GLN A 146 -0.56 17.03 12.15
CA GLN A 146 0.38 18.13 12.39
C GLN A 146 1.80 17.84 11.88
N ASN A 147 2.36 16.70 12.29
CA ASN A 147 3.75 16.36 12.02
C ASN A 147 3.92 15.79 10.61
N ALA A 148 4.93 16.30 9.89
CA ALA A 148 5.16 15.90 8.51
C ALA A 148 5.82 14.52 8.41
N ASP A 149 6.68 14.21 9.36
CA ASP A 149 7.47 13.00 9.32
C ASP A 149 7.19 12.18 10.58
N THR A 150 6.43 11.11 10.43
CA THR A 150 5.92 10.40 11.59
C THR A 150 6.28 8.92 11.57
N TYR A 151 6.05 8.26 12.71
CA TYR A 151 6.20 6.81 12.78
C TYR A 151 5.16 6.21 13.71
N VAL A 152 4.94 4.92 13.58
CA VAL A 152 4.17 4.17 14.54
C VAL A 152 5.01 2.95 14.91
N PHE A 153 5.07 2.65 16.20
CA PHE A 153 5.73 1.44 16.65
C PHE A 153 4.77 0.60 17.48
N VAL A 154 4.75 -0.70 17.20
CA VAL A 154 3.96 -1.65 17.98
C VAL A 154 4.84 -2.81 18.39
N GLY A 155 4.88 -3.09 19.69
CA GLY A 155 5.76 -4.12 20.21
C GLY A 155 5.12 -4.96 21.29
N SER A 156 5.40 -6.25 21.25
CA SER A 156 5.04 -7.17 22.32
C SER A 156 6.20 -8.16 22.44
N SER A 157 6.03 -9.24 23.21
CA SER A 157 7.08 -10.26 23.30
C SER A 157 7.21 -11.10 22.04
N ARG A 158 6.19 -11.11 21.19
CA ARG A 158 6.24 -11.90 19.97
C ARG A 158 6.04 -11.06 18.70
N TYR A 159 6.03 -9.74 18.85
CA TYR A 159 5.75 -8.86 17.74
C TYR A 159 6.52 -7.56 17.88
N SER A 160 7.11 -7.10 16.78
CA SER A 160 7.78 -5.81 16.79
C SER A 160 7.83 -5.24 15.38
N LYS A 161 7.23 -4.07 15.20
CA LYS A 161 7.24 -3.45 13.89
C LYS A 161 7.19 -1.93 13.97
N LYS A 162 8.00 -1.27 13.14
CA LYS A 162 7.93 0.17 13.00
C LYS A 162 7.33 0.50 11.65
N PHE A 163 6.32 1.36 11.63
CA PHE A 163 5.61 1.69 10.40
C PHE A 163 5.93 3.12 10.00
N LYS A 164 6.14 3.34 8.71
CA LYS A 164 6.28 4.69 8.18
C LYS A 164 5.18 4.90 7.16
N PRO A 165 4.38 5.96 7.34
CA PRO A 165 3.33 6.26 6.38
C PRO A 165 3.91 6.61 5.02
N GLU A 166 3.28 6.17 3.95
CA GLU A 166 3.64 6.69 2.65
C GLU A 166 2.54 7.61 2.16
N ILE A 167 2.90 8.88 1.99
CA ILE A 167 1.98 9.86 1.49
C ILE A 167 1.99 9.82 -0.03
N ALA A 168 0.82 9.55 -0.62
CA ALA A 168 0.72 9.32 -2.06
C ALA A 168 -0.74 9.27 -2.51
N ILE A 169 -0.99 9.76 -3.73
CA ILE A 169 -2.32 9.72 -4.29
C ILE A 169 -2.58 8.38 -4.98
N ARG A 170 -3.36 7.52 -4.31
CA ARG A 170 -3.79 6.26 -4.89
C ARG A 170 -5.07 6.53 -5.70
N PRO A 171 -5.48 5.56 -6.52
CA PRO A 171 -6.75 5.74 -7.23
C PRO A 171 -7.91 5.93 -6.25
N LYS A 172 -8.81 6.85 -6.58
CA LYS A 172 -9.92 7.19 -5.68
C LYS A 172 -10.88 6.01 -5.54
N VAL A 173 -11.06 5.56 -4.30
CA VAL A 173 -11.99 4.48 -3.98
C VAL A 173 -12.89 4.93 -2.84
N ARG A 174 -14.19 4.89 -3.07
CA ARG A 174 -15.14 5.43 -2.09
C ARG A 174 -14.69 6.81 -1.60
N GLY A 175 -14.24 7.63 -2.54
CA GLY A 175 -13.87 9.01 -2.26
C GLY A 175 -12.45 9.24 -1.75
N GLN A 176 -11.71 8.16 -1.51
CA GLN A 176 -10.42 8.27 -0.84
C GLN A 176 -9.23 7.99 -1.74
N GLU A 177 -8.27 8.90 -1.76
CA GLU A 177 -7.02 8.67 -2.49
C GLU A 177 -5.93 8.25 -1.50
N GLY A 178 -6.26 8.30 -0.21
CA GLY A 178 -5.41 7.74 0.82
C GLY A 178 -5.72 6.27 1.02
N ARG A 179 -4.97 5.60 1.89
CA ARG A 179 -5.22 4.20 2.19
C ARG A 179 -5.03 3.92 3.68
N MET A 180 -5.64 2.84 4.15
CA MET A 180 -5.48 2.44 5.54
C MET A 180 -5.22 0.94 5.56
N ASN A 181 -4.06 0.54 6.10
CA ASN A 181 -3.78 -0.89 6.24
C ASN A 181 -4.20 -1.37 7.63
N TYR A 182 -4.53 -2.65 7.72
CA TYR A 182 -5.02 -3.22 8.98
C TYR A 182 -4.12 -4.34 9.44
N TYR A 183 -3.83 -4.36 10.73
CA TYR A 183 -2.88 -5.30 11.31
C TYR A 183 -3.44 -5.90 12.58
N TRP A 184 -2.91 -7.05 12.95
CA TRP A 184 -3.35 -7.69 14.19
C TRP A 184 -2.23 -8.53 14.79
N THR A 185 -2.33 -8.81 16.08
CA THR A 185 -1.41 -9.73 16.71
C THR A 185 -2.12 -10.38 17.91
N LEU A 186 -1.58 -11.50 18.38
CA LEU A 186 -2.13 -12.18 19.54
C LEU A 186 -1.20 -11.96 20.71
N VAL A 187 -1.76 -11.48 21.81
CA VAL A 187 -0.99 -11.20 23.02
C VAL A 187 -1.25 -12.28 24.06
N GLU A 188 -0.19 -12.98 24.44
CA GLU A 188 -0.28 -14.05 25.43
C GLU A 188 -0.66 -13.53 26.83
N PRO A 189 -1.34 -14.37 27.61
CA PRO A 189 -1.55 -14.01 29.02
C PRO A 189 -0.24 -13.53 29.66
N GLY A 190 -0.32 -12.41 30.37
CA GLY A 190 0.84 -11.88 31.08
C GLY A 190 1.76 -10.99 30.27
N ASP A 191 1.62 -11.00 28.94
CA ASP A 191 2.50 -10.19 28.10
C ASP A 191 1.95 -8.78 27.95
N LYS A 192 2.81 -7.87 27.50
CA LYS A 192 2.40 -6.48 27.35
C LYS A 192 2.57 -6.06 25.90
N ILE A 193 1.57 -5.34 25.37
CA ILE A 193 1.69 -4.76 24.03
C ILE A 193 1.75 -3.24 24.17
N THR A 194 2.64 -2.61 23.41
CA THR A 194 2.83 -1.17 23.51
C THR A 194 2.66 -0.53 22.14
N PHE A 195 1.92 0.58 22.12
CA PHE A 195 1.73 1.38 20.92
C PHE A 195 2.40 2.72 21.11
N GLU A 196 3.15 3.16 20.11
CA GLU A 196 3.83 4.44 20.17
C GLU A 196 3.65 5.11 18.81
N ALA A 197 3.33 6.39 18.79
CA ALA A 197 3.11 7.06 17.50
C ALA A 197 3.21 8.57 17.57
N THR A 198 3.66 9.16 16.46
CA THR A 198 3.66 10.60 16.28
C THR A 198 2.67 11.00 15.20
N GLY A 199 1.85 10.03 14.77
CA GLY A 199 0.79 10.26 13.81
C GLY A 199 0.34 8.97 13.15
N ASN A 200 -0.76 9.04 12.39
CA ASN A 200 -1.14 7.99 11.44
C ASN A 200 -1.60 6.66 12.03
N LEU A 201 -1.79 6.63 13.35
CA LEU A 201 -2.22 5.41 14.03
C LEU A 201 -3.73 5.39 14.25
N VAL A 202 -4.37 4.33 13.76
CA VAL A 202 -5.78 4.12 14.04
C VAL A 202 -5.80 3.13 15.19
N VAL A 203 -6.02 3.66 16.39
CA VAL A 203 -5.80 2.93 17.63
C VAL A 203 -6.87 1.89 17.89
N PRO A 204 -6.49 0.79 18.57
CA PRO A 204 -7.51 -0.15 19.04
C PRO A 204 -8.48 0.54 19.98
N ARG A 205 -9.76 0.22 19.88
CA ARG A 205 -10.69 0.57 20.95
C ARG A 205 -11.22 -0.71 21.59
N TYR A 206 -11.71 -1.61 20.73
CA TYR A 206 -12.14 -2.93 21.19
C TYR A 206 -11.19 -4.01 20.69
N ALA A 207 -10.86 -4.93 21.59
CA ALA A 207 -10.05 -6.10 21.28
C ALA A 207 -10.83 -7.33 21.73
N PHE A 208 -10.27 -8.51 21.55
CA PHE A 208 -11.02 -9.73 21.83
C PHE A 208 -10.20 -10.71 22.63
N ALA A 209 -10.82 -11.32 23.64
CA ALA A 209 -10.17 -12.38 24.38
C ALA A 209 -10.84 -13.68 23.93
N MET A 210 -10.05 -14.71 23.70
CA MET A 210 -10.61 -15.93 23.15
C MET A 210 -9.83 -17.16 23.55
N GLU A 211 -10.48 -18.31 23.43
CA GLU A 211 -9.83 -19.62 23.54
C GLU A 211 -10.23 -20.42 22.32
N ARG A 212 -9.28 -21.15 21.75
CA ARG A 212 -9.59 -21.98 20.58
C ARG A 212 -10.24 -23.29 21.02
N ALA B 1 -6.09 12.77 -33.79
CA ALA B 1 -7.00 11.67 -33.51
C ALA B 1 -6.72 11.07 -32.14
N PRO B 2 -7.73 10.43 -31.52
CA PRO B 2 -7.51 9.78 -30.23
C PRO B 2 -6.59 8.57 -30.37
N LEU B 3 -5.92 8.20 -29.28
CA LEU B 3 -5.11 7.00 -29.23
C LEU B 3 -5.96 5.86 -28.72
N HIS B 4 -6.12 4.82 -29.53
CA HIS B 4 -6.97 3.69 -29.16
C HIS B 4 -6.15 2.53 -28.62
N LEU B 5 -6.18 2.34 -27.31
CA LEU B 5 -5.53 1.19 -26.69
C LEU B 5 -6.44 -0.01 -26.87
N GLY B 6 -5.94 -1.05 -27.51
CA GLY B 6 -6.73 -2.24 -27.76
C GLY B 6 -7.20 -2.91 -26.49
N LYS B 7 -6.38 -3.83 -26.00
CA LYS B 7 -6.75 -4.70 -24.88
C LYS B 7 -6.48 -4.06 -23.52
N CYS B 8 -5.55 -3.12 -23.46
CA CYS B 8 -5.02 -2.64 -22.19
C CYS B 8 -5.54 -1.27 -21.76
N ASN B 9 -5.36 -0.98 -20.48
CA ASN B 9 -5.63 0.36 -19.97
C ASN B 9 -4.34 1.17 -20.01
N ILE B 10 -4.40 2.44 -19.62
CA ILE B 10 -3.22 3.28 -19.67
C ILE B 10 -2.06 2.67 -18.88
N ALA B 11 -2.37 2.15 -17.69
CA ALA B 11 -1.32 1.57 -16.85
C ALA B 11 -0.55 0.46 -17.56
N GLY B 12 -1.29 -0.45 -18.18
CA GLY B 12 -0.67 -1.58 -18.85
C GLY B 12 0.18 -1.14 -20.02
N TRP B 13 -0.32 -0.15 -20.74
CA TRP B 13 0.33 0.36 -21.95
C TRP B 13 1.61 1.12 -21.60
N ILE B 14 1.51 2.07 -20.69
CA ILE B 14 2.64 2.93 -20.32
C ILE B 14 3.75 2.16 -19.58
N LEU B 15 3.38 1.13 -18.84
CA LEU B 15 4.36 0.30 -18.15
C LEU B 15 5.01 -0.72 -19.07
N GLY B 16 4.28 -1.13 -20.11
CA GLY B 16 4.78 -2.14 -21.02
C GLY B 16 4.46 -3.55 -20.54
N ASN B 17 3.27 -3.71 -19.96
CA ASN B 17 2.79 -5.05 -19.63
C ASN B 17 2.96 -5.91 -20.88
N PRO B 18 3.56 -7.10 -20.72
CA PRO B 18 3.89 -7.98 -21.85
C PRO B 18 2.69 -8.33 -22.72
N GLU B 19 1.48 -8.21 -22.17
CA GLU B 19 0.27 -8.56 -22.91
C GLU B 19 -0.32 -7.37 -23.67
N CYS B 20 0.34 -6.22 -23.58
CA CYS B 20 -0.03 -5.05 -24.37
C CYS B 20 0.96 -4.88 -25.53
N GLU B 21 0.82 -3.79 -26.28
CA GLU B 21 1.75 -3.53 -27.38
C GLU B 21 2.49 -2.20 -27.22
N SER B 22 3.61 -2.06 -27.92
CA SER B 22 4.48 -0.89 -27.77
C SER B 22 3.90 0.37 -28.42
N LEU B 23 3.17 0.19 -29.52
CA LEU B 23 2.62 1.32 -30.26
C LEU B 23 3.70 2.30 -30.68
N SER B 24 4.64 1.81 -31.49
CA SER B 24 5.71 2.66 -32.01
C SER B 24 5.29 3.32 -33.32
N THR B 25 3.99 3.59 -33.45
CA THR B 25 3.46 4.19 -34.67
C THR B 25 2.65 5.45 -34.40
N ALA B 26 2.03 5.55 -33.23
CA ALA B 26 1.26 6.73 -32.86
C ALA B 26 2.08 7.68 -31.98
N SER B 27 2.45 8.82 -32.54
CA SER B 27 3.35 9.74 -31.86
C SER B 27 2.65 11.04 -31.44
N SER B 28 1.36 11.12 -31.72
CA SER B 28 0.56 12.25 -31.27
C SER B 28 -0.89 11.83 -31.17
N TRP B 29 -1.63 12.44 -30.26
CA TRP B 29 -3.04 12.14 -30.06
C TRP B 29 -3.73 13.21 -29.21
N SER B 30 -5.05 13.22 -29.27
CA SER B 30 -5.87 14.16 -28.50
C SER B 30 -6.11 13.65 -27.08
N TYR B 31 -6.84 12.56 -26.98
CA TYR B 31 -7.02 11.90 -25.69
C TYR B 31 -6.86 10.41 -25.87
N ILE B 32 -6.82 9.68 -24.76
CA ILE B 32 -6.68 8.24 -24.84
C ILE B 32 -8.02 7.55 -24.62
N VAL B 33 -8.30 6.58 -25.48
CA VAL B 33 -9.54 5.84 -25.42
C VAL B 33 -9.25 4.42 -24.99
N GLU B 34 -9.87 4.02 -23.88
CA GLU B 34 -9.76 2.65 -23.41
C GLU B 34 -11.11 1.99 -23.60
N THR B 35 -11.09 0.68 -23.82
CA THR B 35 -12.35 -0.06 -23.89
C THR B 35 -12.88 -0.26 -22.48
N PRO B 36 -14.20 -0.37 -22.34
CA PRO B 36 -14.72 -0.76 -21.03
C PRO B 36 -14.24 -2.19 -20.75
N SER B 37 -13.88 -2.46 -19.51
CA SER B 37 -13.35 -3.77 -19.16
C SER B 37 -12.05 -4.09 -19.90
N SER B 38 -11.20 -3.09 -20.08
CA SER B 38 -9.87 -3.35 -20.62
C SER B 38 -9.06 -4.08 -19.54
N ASP B 39 -8.07 -4.85 -19.98
CA ASP B 39 -7.27 -5.65 -19.03
C ASP B 39 -6.65 -4.79 -17.94
N ASN B 40 -6.60 -5.32 -16.73
CA ASN B 40 -5.87 -4.69 -15.64
C ASN B 40 -4.40 -4.64 -16.04
N GLY B 41 -3.86 -3.43 -16.13
CA GLY B 41 -2.50 -3.26 -16.64
C GLY B 41 -1.40 -3.64 -15.68
N THR B 42 -1.66 -3.53 -14.38
CA THR B 42 -0.67 -3.86 -13.38
C THR B 42 -0.69 -5.35 -13.07
N CYS B 43 0.04 -6.12 -13.87
CA CYS B 43 0.10 -7.56 -13.68
C CYS B 43 0.69 -7.94 -12.32
N TYR B 44 1.67 -7.17 -11.84
CA TYR B 44 2.10 -7.35 -10.46
C TYR B 44 1.29 -6.37 -9.61
N PRO B 45 0.55 -6.88 -8.61
CA PRO B 45 -0.42 -6.05 -7.90
C PRO B 45 0.21 -4.91 -7.12
N GLY B 46 -0.52 -3.80 -7.04
CA GLY B 46 -0.01 -2.61 -6.38
C GLY B 46 -0.77 -1.40 -6.85
N ASP B 47 -0.42 -0.23 -6.33
CA ASP B 47 -1.13 1.00 -6.67
C ASP B 47 -0.33 1.87 -7.62
N PHE B 48 -0.97 2.28 -8.71
CA PHE B 48 -0.38 3.25 -9.62
C PHE B 48 -0.68 4.63 -9.07
N ILE B 49 0.37 5.34 -8.66
CA ILE B 49 0.26 6.63 -7.98
C ILE B 49 0.15 7.79 -8.97
N ASP B 50 -0.59 8.83 -8.60
CA ASP B 50 -0.85 9.97 -9.48
C ASP B 50 -1.40 9.53 -10.83
N TYR B 51 -2.26 8.51 -10.83
CA TYR B 51 -2.72 7.88 -12.05
C TYR B 51 -3.61 8.80 -12.88
N GLU B 52 -4.62 9.40 -12.26
CA GLU B 52 -5.52 10.26 -13.02
C GLU B 52 -4.80 11.48 -13.57
N GLU B 53 -3.81 11.95 -12.83
CA GLU B 53 -2.97 13.05 -13.31
C GLU B 53 -2.15 12.64 -14.53
N LEU B 54 -1.70 11.39 -14.55
CA LEU B 54 -0.95 10.89 -15.70
C LEU B 54 -1.86 10.85 -16.93
N ARG B 55 -3.11 10.44 -16.73
CA ARG B 55 -4.09 10.40 -17.80
C ARG B 55 -4.21 11.77 -18.47
N GLU B 56 -4.29 12.81 -17.66
CA GLU B 56 -4.38 14.18 -18.18
C GLU B 56 -3.06 14.63 -18.82
N GLN B 57 -1.93 14.20 -18.28
CA GLN B 57 -0.65 14.50 -18.90
C GLN B 57 -0.55 13.85 -20.28
N LEU B 58 -1.13 12.65 -20.40
CA LEU B 58 -1.12 11.95 -21.68
C LEU B 58 -2.33 12.32 -22.55
N SER B 59 -2.62 13.61 -22.63
CA SER B 59 -3.63 14.13 -23.53
C SER B 59 -3.09 15.38 -24.23
N SER B 60 -3.66 15.71 -25.38
CA SER B 60 -3.15 16.80 -26.21
C SER B 60 -1.65 16.64 -26.45
N VAL B 61 -1.26 15.42 -26.81
CA VAL B 61 0.13 15.09 -27.06
C VAL B 61 0.49 15.33 -28.52
N SER B 62 1.42 16.24 -28.75
CA SER B 62 1.82 16.58 -30.12
C SER B 62 3.05 15.79 -30.55
N SER B 63 3.83 15.35 -29.56
CA SER B 63 5.00 14.53 -29.82
C SER B 63 5.17 13.53 -28.67
N PHE B 64 5.50 12.29 -28.99
CA PHE B 64 5.67 11.25 -27.98
C PHE B 64 6.58 10.15 -28.49
N GLU B 65 7.69 9.93 -27.81
CA GLU B 65 8.66 8.94 -28.28
C GLU B 65 9.34 8.21 -27.14
N ARG B 66 9.48 6.90 -27.28
CA ARG B 66 10.15 6.07 -26.30
C ARG B 66 11.65 6.05 -26.56
N PHE B 67 12.44 6.13 -25.50
CA PHE B 67 13.88 5.95 -25.62
C PHE B 67 14.39 5.16 -24.41
N GLU B 68 15.58 4.57 -24.55
CA GLU B 68 16.13 3.74 -23.48
C GLU B 68 16.93 4.59 -22.52
N ILE B 69 16.25 5.14 -21.52
CA ILE B 69 16.85 6.09 -20.61
C ILE B 69 18.05 5.49 -19.87
N PHE B 70 17.90 4.23 -19.47
CA PHE B 70 18.97 3.50 -18.76
C PHE B 70 19.21 2.17 -19.47
N PRO B 71 20.13 2.14 -20.43
CA PRO B 71 20.41 0.93 -21.19
C PRO B 71 20.55 -0.29 -20.28
N LYS B 72 19.80 -1.34 -20.58
CA LYS B 72 19.82 -2.55 -19.77
C LYS B 72 21.20 -3.20 -19.70
N THR B 73 21.88 -3.27 -20.83
CA THR B 73 23.13 -4.02 -20.90
C THR B 73 24.32 -3.35 -20.19
N SER B 74 24.21 -2.06 -19.89
CA SER B 74 25.35 -1.33 -19.34
C SER B 74 25.10 -0.50 -18.08
N SER B 75 23.84 -0.28 -17.72
CA SER B 75 23.52 0.64 -16.64
C SER B 75 23.77 0.09 -15.23
N TRP B 76 23.71 -1.22 -15.08
CA TRP B 76 23.65 -1.84 -13.74
C TRP B 76 24.69 -2.95 -13.57
N PRO B 77 25.98 -2.61 -13.69
CA PRO B 77 27.03 -3.62 -13.65
C PRO B 77 27.18 -4.32 -12.30
N ASN B 78 26.56 -3.77 -11.26
CA ASN B 78 26.72 -4.33 -9.90
C ASN B 78 25.45 -4.95 -9.34
N HIS B 79 24.42 -5.00 -10.18
CA HIS B 79 23.14 -5.59 -9.80
C HIS B 79 22.69 -6.54 -10.91
N ASP B 80 21.67 -7.36 -10.60
CA ASP B 80 21.20 -8.38 -11.55
C ASP B 80 19.95 -7.93 -12.30
N SER B 81 20.06 -7.82 -13.61
CA SER B 81 18.93 -7.36 -14.43
C SER B 81 18.30 -8.49 -15.24
N ASN B 82 18.53 -9.73 -14.83
CA ASN B 82 17.93 -10.89 -15.48
C ASN B 82 16.80 -11.52 -14.67
N LYS B 83 17.03 -11.70 -13.38
CA LYS B 83 16.17 -12.54 -12.55
C LYS B 83 14.83 -11.93 -12.16
N GLY B 84 14.66 -10.64 -12.41
CA GLY B 84 13.47 -9.92 -11.99
C GLY B 84 12.26 -10.16 -12.86
N VAL B 85 11.79 -11.40 -12.90
CA VAL B 85 10.57 -11.76 -13.61
C VAL B 85 9.61 -12.42 -12.64
N THR B 86 8.36 -12.57 -13.07
CA THR B 86 7.34 -13.09 -12.17
C THR B 86 6.19 -13.78 -12.91
N ALA B 87 5.62 -14.79 -12.27
CA ALA B 87 4.47 -15.51 -12.82
C ALA B 87 3.25 -14.59 -12.92
N ALA B 88 3.24 -13.52 -12.14
CA ALA B 88 2.15 -12.55 -12.19
C ALA B 88 2.09 -11.82 -13.54
N CYS B 89 3.23 -11.79 -14.24
CA CYS B 89 3.36 -11.10 -15.53
C CYS B 89 3.91 -12.03 -16.60
N PRO B 90 3.08 -12.98 -17.06
CA PRO B 90 3.52 -14.01 -18.01
C PRO B 90 3.66 -13.47 -19.43
N HIS B 91 4.50 -14.15 -20.21
CA HIS B 91 4.55 -13.93 -21.64
C HIS B 91 5.06 -15.20 -22.31
N ALA B 92 4.35 -15.66 -23.33
CA ALA B 92 4.73 -16.86 -24.05
C ALA B 92 4.95 -18.04 -23.10
N GLY B 93 4.04 -18.21 -22.15
CA GLY B 93 4.12 -19.31 -21.20
C GLY B 93 5.38 -19.30 -20.36
N ALA B 94 5.89 -18.11 -20.07
CA ALA B 94 7.05 -17.98 -19.19
C ALA B 94 6.92 -16.75 -18.30
N LYS B 95 7.63 -16.75 -17.17
CA LYS B 95 7.66 -15.61 -16.29
C LYS B 95 8.29 -14.42 -17.01
N SER B 96 7.74 -13.24 -16.79
CA SER B 96 8.23 -12.04 -17.47
C SER B 96 7.98 -10.81 -16.62
N PHE B 97 7.92 -9.64 -17.26
CA PHE B 97 7.79 -8.38 -16.55
C PHE B 97 7.54 -7.23 -17.52
N TYR B 98 7.17 -6.08 -16.98
CA TYR B 98 6.94 -4.88 -17.79
C TYR B 98 8.15 -4.60 -18.67
N LYS B 99 7.90 -4.23 -19.91
CA LYS B 99 8.97 -3.93 -20.87
C LYS B 99 9.74 -2.67 -20.49
N ASN B 100 9.07 -1.72 -19.87
CA ASN B 100 9.66 -0.40 -19.67
C ASN B 100 10.45 -0.22 -18.37
N LEU B 101 10.40 -1.23 -17.51
CA LEU B 101 11.10 -1.18 -16.22
C LEU B 101 11.95 -2.43 -16.06
N ILE B 102 12.97 -2.34 -15.21
CA ILE B 102 13.74 -3.52 -14.82
C ILE B 102 13.64 -3.73 -13.31
N TRP B 103 13.22 -4.93 -12.93
CA TRP B 103 13.19 -5.32 -11.53
C TRP B 103 14.57 -5.77 -11.12
N LEU B 104 15.39 -4.83 -10.64
CA LEU B 104 16.75 -5.17 -10.24
C LEU B 104 16.74 -5.98 -8.94
N VAL B 105 17.53 -7.04 -8.92
CA VAL B 105 17.71 -7.82 -7.69
C VAL B 105 19.20 -7.94 -7.39
N LYS B 106 19.54 -8.56 -6.26
CA LYS B 106 20.94 -8.68 -5.86
C LYS B 106 21.72 -9.52 -6.86
N LYS B 107 23.01 -9.22 -6.97
CA LYS B 107 23.92 -9.99 -7.80
C LYS B 107 24.72 -10.92 -6.90
N GLY B 108 24.49 -12.22 -7.02
CA GLY B 108 25.05 -13.16 -6.07
C GLY B 108 24.50 -12.86 -4.68
N ASN B 109 25.39 -12.51 -3.76
CA ASN B 109 24.98 -12.20 -2.39
C ASN B 109 25.12 -10.72 -2.03
N SER B 110 25.03 -9.86 -3.04
CA SER B 110 25.33 -8.45 -2.81
C SER B 110 24.37 -7.50 -3.52
N TYR B 111 23.85 -6.54 -2.77
CA TYR B 111 23.12 -5.42 -3.38
C TYR B 111 23.75 -4.13 -2.87
N PRO B 112 24.77 -3.64 -3.59
CA PRO B 112 25.46 -2.42 -3.16
C PRO B 112 24.56 -1.22 -3.36
N LYS B 113 24.88 -0.12 -2.70
CA LYS B 113 24.10 1.09 -2.87
C LYS B 113 24.12 1.45 -4.36
N LEU B 114 22.96 1.65 -4.94
CA LEU B 114 22.94 2.10 -6.33
C LEU B 114 22.65 3.60 -6.41
N SER B 115 23.26 4.24 -7.38
CA SER B 115 23.10 5.67 -7.60
C SER B 115 23.26 5.91 -9.08
N LYS B 116 22.20 6.41 -9.71
CA LYS B 116 22.18 6.60 -11.14
C LYS B 116 21.40 7.86 -11.47
N SER B 117 21.96 8.67 -12.36
CA SER B 117 21.29 9.91 -12.76
C SER B 117 21.08 9.96 -14.26
N TYR B 118 20.14 10.81 -14.68
CA TYR B 118 19.92 11.09 -16.09
C TYR B 118 19.69 12.59 -16.28
N ILE B 119 20.40 13.18 -17.23
CA ILE B 119 20.24 14.58 -17.55
C ILE B 119 19.42 14.72 -18.84
N ASN B 120 18.35 15.49 -18.76
CA ASN B 120 17.49 15.68 -19.92
C ASN B 120 18.09 16.65 -20.93
N ASP B 121 18.67 16.11 -22.00
CA ASP B 121 19.20 16.94 -23.07
C ASP B 121 18.37 16.82 -24.34
N LYS B 122 17.10 16.45 -24.19
CA LYS B 122 16.23 16.18 -25.33
C LYS B 122 15.49 17.40 -25.87
N GLY B 123 15.46 18.49 -25.12
CA GLY B 123 14.72 19.66 -25.56
C GLY B 123 13.22 19.54 -25.38
N LYS B 124 12.77 18.39 -24.87
CA LYS B 124 11.36 18.20 -24.55
C LYS B 124 11.26 17.62 -23.16
N GLU B 125 10.08 17.71 -22.55
CA GLU B 125 9.83 17.08 -21.25
C GLU B 125 10.07 15.59 -21.38
N VAL B 126 10.57 14.99 -20.31
CA VAL B 126 10.77 13.54 -20.30
C VAL B 126 9.97 12.89 -19.20
N LEU B 127 9.10 11.95 -19.59
CA LEU B 127 8.26 11.23 -18.64
C LEU B 127 9.00 9.99 -18.18
N VAL B 128 9.28 9.90 -16.88
CA VAL B 128 10.00 8.76 -16.35
C VAL B 128 9.12 8.04 -15.33
N LEU B 129 9.08 6.72 -15.44
CA LEU B 129 8.29 5.90 -14.52
C LEU B 129 9.18 4.89 -13.82
N TRP B 130 8.82 4.54 -12.59
CA TRP B 130 9.54 3.52 -11.83
C TRP B 130 8.59 2.83 -10.85
N GLY B 131 9.09 1.78 -10.20
CA GLY B 131 8.29 1.06 -9.24
C GLY B 131 9.02 0.91 -7.92
N ILE B 132 8.25 0.68 -6.85
CA ILE B 132 8.83 0.40 -5.55
C ILE B 132 8.23 -0.93 -5.11
N HIS B 133 9.09 -1.89 -4.81
CA HIS B 133 8.61 -3.22 -4.43
C HIS B 133 8.57 -3.42 -2.92
N HIS B 134 7.43 -3.91 -2.45
CA HIS B 134 7.22 -4.21 -1.03
C HIS B 134 7.03 -5.71 -0.87
N PRO B 135 8.07 -6.40 -0.38
CA PRO B 135 8.00 -7.86 -0.26
C PRO B 135 7.00 -8.32 0.79
N SER B 136 6.57 -9.58 0.70
CA SER B 136 5.62 -10.13 1.64
C SER B 136 6.24 -10.47 3.00
N THR B 137 7.49 -10.94 2.96
CA THR B 137 8.14 -11.44 4.17
C THR B 137 9.60 -11.00 4.25
N SER B 138 10.21 -11.15 5.42
CA SER B 138 11.62 -10.82 5.57
C SER B 138 12.49 -11.73 4.72
N ALA B 139 12.08 -12.99 4.56
CA ALA B 139 12.83 -13.93 3.75
C ALA B 139 12.84 -13.49 2.29
N ASP B 140 11.68 -13.03 1.80
N ASP B 140 11.68 -13.02 1.82
CA ASP B 140 11.60 -12.55 0.43
CA ASP B 140 11.53 -12.52 0.47
C ASP B 140 12.49 -11.33 0.22
C ASP B 140 12.47 -11.34 0.23
N GLN B 141 12.44 -10.39 1.17
CA GLN B 141 13.31 -9.21 1.11
C GLN B 141 14.78 -9.61 0.99
N GLN B 142 15.19 -10.61 1.77
CA GLN B 142 16.56 -11.10 1.74
C GLN B 142 16.87 -11.80 0.41
N SER B 143 15.92 -12.60 -0.05
CA SER B 143 16.11 -13.36 -1.28
C SER B 143 16.34 -12.44 -2.46
N LEU B 144 15.62 -11.32 -2.47
CA LEU B 144 15.64 -10.39 -3.60
C LEU B 144 16.76 -9.35 -3.50
N TYR B 145 16.96 -8.81 -2.30
CA TYR B 145 17.79 -7.62 -2.14
C TYR B 145 18.93 -7.75 -1.13
N GLN B 146 19.02 -8.89 -0.46
CA GLN B 146 20.08 -9.16 0.53
C GLN B 146 19.90 -8.31 1.80
N ASN B 147 19.93 -6.99 1.64
CA ASN B 147 19.80 -6.06 2.76
C ASN B 147 18.40 -6.09 3.39
N ALA B 148 18.34 -6.14 4.72
CA ALA B 148 17.05 -6.24 5.39
C ALA B 148 16.33 -4.89 5.52
N ASP B 149 17.10 -3.83 5.75
CA ASP B 149 16.51 -2.52 5.99
C ASP B 149 16.99 -1.56 4.90
N THR B 150 16.07 -1.13 4.04
CA THR B 150 16.45 -0.42 2.82
C THR B 150 15.62 0.83 2.58
N TYR B 151 16.03 1.64 1.61
CA TYR B 151 15.25 2.79 1.22
C TYR B 151 15.46 3.03 -0.27
N VAL B 152 14.60 3.88 -0.84
CA VAL B 152 14.81 4.33 -2.20
C VAL B 152 14.59 5.83 -2.17
N PHE B 153 15.41 6.57 -2.90
CA PHE B 153 15.15 7.99 -3.09
C PHE B 153 15.19 8.36 -4.57
N VAL B 154 14.24 9.18 -4.99
CA VAL B 154 14.22 9.71 -6.35
C VAL B 154 14.12 11.22 -6.26
N GLY B 155 14.99 11.93 -6.97
CA GLY B 155 15.02 13.37 -6.87
C GLY B 155 15.36 14.07 -8.17
N SER B 156 14.72 15.21 -8.38
CA SER B 156 15.07 16.14 -9.44
C SER B 156 14.93 17.53 -8.81
N SER B 157 14.95 18.56 -9.65
N SER B 157 14.95 18.57 -9.64
CA SER B 157 14.76 19.93 -9.16
CA SER B 157 14.77 19.92 -9.11
C SER B 157 13.32 20.15 -8.72
C SER B 157 13.31 20.23 -8.79
N ARG B 158 12.40 19.42 -9.32
CA ARG B 158 10.97 19.61 -9.05
C ARG B 158 10.38 18.50 -8.19
N TYR B 159 11.08 17.38 -8.08
CA TYR B 159 10.55 16.19 -7.44
C TYR B 159 11.55 15.65 -6.43
N SER B 160 11.05 15.23 -5.28
CA SER B 160 11.91 14.65 -4.28
C SER B 160 11.06 13.76 -3.39
N LYS B 161 11.42 12.48 -3.33
CA LYS B 161 10.70 11.57 -2.45
C LYS B 161 11.55 10.41 -1.98
N LYS B 162 11.51 10.14 -0.68
CA LYS B 162 12.10 8.94 -0.12
C LYS B 162 11.01 7.89 0.06
N PHE B 163 11.31 6.65 -0.30
CA PHE B 163 10.37 5.54 -0.15
C PHE B 163 10.92 4.54 0.84
N LYS B 164 10.06 4.05 1.72
CA LYS B 164 10.46 3.05 2.69
C LYS B 164 9.60 1.83 2.45
N PRO B 165 10.21 0.73 1.97
CA PRO B 165 9.41 -0.46 1.71
C PRO B 165 8.75 -0.95 2.99
N GLU B 166 7.54 -1.46 2.89
CA GLU B 166 6.94 -2.12 4.04
C GLU B 166 6.76 -3.58 3.74
N ILE B 167 7.44 -4.42 4.52
CA ILE B 167 7.34 -5.86 4.38
C ILE B 167 6.09 -6.32 5.12
N ALA B 168 5.20 -6.99 4.40
CA ALA B 168 3.90 -7.39 4.95
C ALA B 168 3.18 -8.34 3.98
N ILE B 169 2.43 -9.28 4.54
CA ILE B 169 1.65 -10.21 3.74
C ILE B 169 0.30 -9.60 3.38
N ARG B 170 0.18 -9.09 2.15
CA ARG B 170 -1.11 -8.64 1.65
C ARG B 170 -1.88 -9.83 1.09
N PRO B 171 -3.20 -9.67 0.87
CA PRO B 171 -3.97 -10.76 0.27
C PRO B 171 -3.38 -11.17 -1.07
N LYS B 172 -3.36 -12.48 -1.32
CA LYS B 172 -2.75 -13.01 -2.53
C LYS B 172 -3.53 -12.60 -3.77
N VAL B 173 -2.85 -11.89 -4.67
CA VAL B 173 -3.44 -11.48 -5.93
C VAL B 173 -2.47 -11.88 -7.03
N ARG B 174 -2.95 -12.64 -8.01
CA ARG B 174 -2.11 -13.17 -9.07
C ARG B 174 -0.86 -13.83 -8.48
N GLY B 175 -1.05 -14.53 -7.37
CA GLY B 175 0.02 -15.28 -6.73
C GLY B 175 0.89 -14.47 -5.78
N GLN B 176 0.66 -13.17 -5.73
CA GLN B 176 1.57 -12.30 -5.01
C GLN B 176 0.97 -11.75 -3.72
N GLU B 177 1.71 -11.92 -2.63
CA GLU B 177 1.33 -11.36 -1.35
C GLU B 177 2.14 -10.08 -1.10
N GLY B 178 3.11 -9.83 -1.97
CA GLY B 178 3.82 -8.57 -1.99
C GLY B 178 3.11 -7.56 -2.88
N ARG B 179 3.62 -6.33 -2.93
CA ARG B 179 3.00 -5.30 -3.75
C ARG B 179 4.07 -4.43 -4.41
N MET B 180 3.70 -3.81 -5.52
CA MET B 180 4.61 -2.93 -6.23
C MET B 180 3.84 -1.67 -6.59
N ASN B 181 4.26 -0.52 -6.08
CA ASN B 181 3.61 0.73 -6.42
C ASN B 181 4.34 1.35 -7.59
N TYR B 182 3.62 2.09 -8.42
CA TYR B 182 4.19 2.68 -9.61
C TYR B 182 4.11 4.20 -9.53
N TYR B 183 5.21 4.86 -9.90
CA TYR B 183 5.33 6.31 -9.77
C TYR B 183 5.85 6.91 -11.07
N TRP B 184 5.66 8.21 -11.24
CA TRP B 184 6.18 8.89 -12.41
C TRP B 184 6.45 10.35 -12.11
N THR B 185 7.29 10.96 -12.94
CA THR B 185 7.46 12.39 -12.88
C THR B 185 7.89 12.89 -14.26
N LEU B 186 7.85 14.20 -14.43
CA LEU B 186 8.27 14.80 -15.67
C LEU B 186 9.57 15.55 -15.42
N VAL B 187 10.60 15.23 -16.19
CA VAL B 187 11.88 15.90 -16.06
C VAL B 187 11.99 17.00 -17.12
N GLU B 188 12.05 18.24 -16.67
CA GLU B 188 12.17 19.40 -17.55
C GLU B 188 13.47 19.34 -18.34
N PRO B 189 13.47 19.92 -19.55
CA PRO B 189 14.71 20.04 -20.30
C PRO B 189 15.80 20.68 -19.43
N GLY B 190 17.00 20.11 -19.45
CA GLY B 190 18.11 20.65 -18.70
C GLY B 190 18.24 20.11 -17.30
N ASP B 191 17.16 19.53 -16.78
CA ASP B 191 17.14 19.03 -15.41
C ASP B 191 17.77 17.64 -15.31
N LYS B 192 18.03 17.21 -14.08
CA LYS B 192 18.64 15.92 -13.82
C LYS B 192 17.81 15.16 -12.79
N ILE B 193 17.51 13.90 -13.09
CA ILE B 193 16.82 13.06 -12.14
C ILE B 193 17.81 12.02 -11.60
N THR B 194 17.75 11.79 -10.30
CA THR B 194 18.67 10.85 -9.68
C THR B 194 17.90 9.75 -8.95
N PHE B 195 18.35 8.52 -9.13
CA PHE B 195 17.80 7.37 -8.42
C PHE B 195 18.84 6.80 -7.48
N GLU B 196 18.46 6.57 -6.22
CA GLU B 196 19.36 5.98 -5.24
C GLU B 196 18.59 4.90 -4.50
N ALA B 197 19.26 3.79 -4.17
CA ALA B 197 18.56 2.69 -3.50
C ALA B 197 19.51 1.69 -2.85
N THR B 198 19.07 1.10 -1.74
CA THR B 198 19.77 -0.05 -1.16
C THR B 198 18.92 -1.31 -1.34
N GLY B 199 17.85 -1.17 -2.13
CA GLY B 199 17.01 -2.30 -2.49
C GLY B 199 15.66 -1.82 -2.99
N ASN B 200 14.84 -2.77 -3.46
CA ASN B 200 13.42 -2.53 -3.67
C ASN B 200 13.06 -1.54 -4.76
N LEU B 201 14.03 -1.19 -5.61
CA LEU B 201 13.76 -0.25 -6.68
C LEU B 201 13.58 -0.97 -8.03
N VAL B 202 12.45 -0.72 -8.67
CA VAL B 202 12.21 -1.20 -10.02
C VAL B 202 12.57 -0.04 -10.93
N VAL B 203 13.74 -0.13 -11.57
CA VAL B 203 14.31 1.02 -12.27
C VAL B 203 13.67 1.25 -13.62
N PRO B 204 13.72 2.50 -14.08
CA PRO B 204 13.32 2.75 -15.48
C PRO B 204 14.26 2.02 -16.44
N ARG B 205 13.69 1.49 -17.51
CA ARG B 205 14.49 1.08 -18.66
C ARG B 205 14.18 2.01 -19.83
N TYR B 206 12.91 2.12 -20.17
CA TYR B 206 12.46 3.05 -21.20
C TYR B 206 11.69 4.22 -20.59
N ALA B 207 11.93 5.40 -21.11
CA ALA B 207 11.16 6.57 -20.73
C ALA B 207 10.64 7.22 -22.00
N PHE B 208 9.96 8.34 -21.87
CA PHE B 208 9.31 8.96 -23.01
C PHE B 208 9.57 10.46 -23.10
N ALA B 209 10.12 10.91 -24.22
CA ALA B 209 10.22 12.34 -24.49
C ALA B 209 8.93 12.77 -25.15
N MET B 210 8.33 13.85 -24.66
CA MET B 210 7.02 14.23 -25.15
C MET B 210 6.78 15.73 -25.06
N GLU B 211 5.82 16.19 -25.84
CA GLU B 211 5.43 17.58 -25.86
C GLU B 211 3.91 17.65 -25.94
N ARG B 212 3.31 18.62 -25.25
CA ARG B 212 1.85 18.76 -25.26
C ARG B 212 1.42 20.03 -26.00
#